data_9PQZ
#
_entry.id   9PQZ
#
_cell.length_a   1.00
_cell.length_b   1.00
_cell.length_c   1.00
_cell.angle_alpha   90.00
_cell.angle_beta   90.00
_cell.angle_gamma   90.00
#
_symmetry.space_group_name_H-M   'P 1'
#
loop_
_entity.id
_entity.type
_entity.pdbx_description
1 polymer 'Fatty acid synthase subunit alpha'
2 polymer 'Fatty acid synthase subunit beta'
#
loop_
_entity_poly.entity_id
_entity_poly.type
_entity_poly.pdbx_seq_one_letter_code
_entity_poly.pdbx_strand_id
1 'polypeptide(L)'
;MKPEVEQELAHILLTELLAYQFASPVRWIETQDVFLKDFNTERVVEIGPSPTLAGMAQRTLKNKYESYDAALSLHREILC
YSKDAKEIYYTPDPSELAAKEEPAKEEAPAPTPAASAPAPAAAAPAPVAAAAPAAAAAEIADEPVKASLLLHVLVAHKLK
KSLDSIPMSKTIKDLVGGKSTVQNEILGDLGKEFGTTPEKPEETPLEELAETFQDTFSGALGKQSSSLLSRLISSKMPGG
FTITVARKYLQTRWGLPSGRQDGVLLVALSNEPAARLGSEADAKAFLDSMAQKYASIVGVDLSSAASASGAAGAGAAAGA
AMIDAGALEEITKDHKVLARQQLQVLARYLKMDLDNGERKFLKEKDTVAELQAQLDYLNAELGEFFVNGVATSFSRKKAR
TFDSSWNWAKQSLLSLYFEIIHGVLKNVDREVVSEAINIMNRSNDALIKFMEYHISNTDETKGENYQLVKTLGEQLIENC
KQVLDVDPVYKDVAKPTGPKTAIDKNGNITYSEEPREKVRKLSQYVQEMALGGPITKESQPTIEEDLTRVYKAISAQADK
QDISSSTRVEFEKLYSDLMKFLESSKEIDPSQTTQLAGMDVEDALDKDSTKEVASLPNKSTISKTVSSTIPRETIPFLHL
RKKTPAGDWKYDRQLSSLFLDGLEKAAFNGVTFKDKYVLITGAGKGSIGAEVLQGLLQGGAKVVVTTSRFSKQVTDYYQS
IYAKYGAKGSTLIVVPFNQGSKQDVEALIEFIYDTEKNGGLGWDLDAIIPFAAIPEQGIELEHIDSKSEFAHRIMLTNIL
RMMGCVKKQKSARGIETRPAQVILPMSPNHGTFGGDGMYSESKLSLETLFNRWHSESWANQLTVCGAIIGWTRGTGLMSA
NNIIAEGIEKMGVRTFSQKEMAFNLLGLLTPEVVELCQKSPVMADLNGGLQFVPELKEFTAKLRKELVETSEVRKAVSIE
TALEHKVVNGNSADAAYAQVEIQPRANIQLDFPELKPYKQVKQIAPAELEGLLDLERVIVVTGFAEVGPWGSARTRWEME
AFGEFSLEGCVEMAWIMGFISYHNGNLKGRPYTGWVDSKTKEPVDDKDVKAKYETSILEHSGIRLIEPELFNGYNPEKKE
MIQEVIVEEDLEPFEASKETAEQFKHQHGDKVDIFEIPETGEYSVKLLKGATLYIPKALRFDRLVAGQIPTGWNAKTYGI
SDDIISQVDPITLFVLVSVVEAFIASGITDPYEMYKYVHVSEVGNCSGSGMGGVSALRGMFKDRFKDEPVQNDILQESFI
NTMSAWVNMLLISSSGPIKTPVGACATSVESVDIGVETILSGKARICIVGGYDDFQEEGSFEFGNMKATSNTLEEFEHGR
TPAEMSRPATTTRNGFMEAQGAGIQIIMQADLALKMGVPIYGIVAMAATATDKIGRSVPAPGKGILTTAREHHSSVKYAS
PNLNMKYRKRQLVTREAQIKDWVENELEALKLEAEEIPSEDQNEFLLERTREIHNEAESQLRAAQQQWGNDFYKRDPRIA
PLRGALATYGLTIDDLGVASFHGTSTKANDKNESATINEMMKHLGRSEGNPVIGVFQKFLTGHPKGAAGAWMMNGALQIL
NSGIIPGNRNADNVDKILEQFEYVLYPSKTLKTDGVRAVSITSFGFGQKGGQAIVVHPDYLYGAITEDRYNEYVAKVSAR
EKSAYKFFHNGMIYNKLFVSKEHAPYTDELEEDVYLDPLARVSKDKKSGSLTFNSKNIQSKDSYINANTIETAKMIENMT
KEKVSNGGVGVDVELITSINVENDTFIERNFTPQEIEYCSAQPSVQSSFAGTWSAKEAVFKSLGVKSLGGGAALKDIEIV
RVNKNAPAVELHGNAKKAAEEAGVTDVKVSISHDDLQAVAVAVSTKK
;
A
2 'polypeptide(L)'
;MDAYSTRPLTLSHGSLEHVLLVPTASFFIASQLQEQFNKILPEPTEGFAADDEPTTPAELVGKFLGYVSSLVEPSKVGQF
DQVLNLCLTEFENCYLEGNDIHALAAKLLQENDTTLVKTKELIKNYITARIMAKRPFDKKSNSALFRAVGEGNAQLVAIF
GGQGNTDDYFEELRDLYQTYHVLVGDLIKFSAETLSELIRTTLDAEKVFTQGLNILEWLENPSNTPDKDYLLSIPISCPL
IGVIQLAHYVVTAKLLGFTPGELRSYLKGATGHSQGLVTAVAIAETDSWESFFVSVRKAITVLFFIGVRCYEAYPNTSLP
PSILEDSLENNEGVPSPMLSISNLTQEQVQDYVNKTNSHLPAGKQVEISLVNGAKNLVVSGPPQSLYGLNLTLRKAKAPS
GLDQSRIPFSERKLKFSNRFLPVASPFHSHLLVPASDLINKDLVKNNVSFNAKDIQIPVYDTFDGSDLRVLSGSISERIV
DCIIRLPVKWETTTQFKATHILDFGPGGASGLGVLTHRNKDGTGVRVIVAGTLDINPDDDYGFKQEIFDVTSNGLKKNPN
WLEEYHPKLIKNKSGKIFVETKFSKLIGRPPLLVPGMTPCTVSPDFVAATTNAGYTIELAGGGYFSAAGMTAAIDSVVSQ
IEKGSTFGINLIYVNPFMLQWGIPLIKELRSKGYPIQFLTIGAGVPSLEVASEYIETLGLKYLGLKPGSIDAISQVINIA
KAHPNFPIALQWTGGRGGGHHSFEDAHTPMLQMYSKIRRHPNIMLIFGSGFGSADDTYPYLTGEWSTKFDYPPMPFDGFL
FGSRVMIAKEVKTSPDAKKCIAACTGVPDDKWEQTYKKPTGGIVTVRSEMGEPIHKIATRGVMLWKEFDETIFNLPKNKL
VPTLEAKRDYIISRLNADFQKPWFATVNGQARDLATMTYEEVAKRLVELMFIRSTNSWFDVTWRTFTGDFLRRVEERFTK
SKTLSLIQSYSLLDKPDEAIEKVFNAYPAAREQFLNAQDIDHFLSMCQNPMQKPVPFVPVLDRRFEIFFKKDSLWQSEHL
EAVVDQDVQRTCILHGPVAAQFTKVIDEPIKSIMDGIHDGHIKKLLHQYYGDDESKIPAVEYFGGESPVDVQSQVDSSSV
SEDSAVFKATSSTDEESWFKALAGSEINWRHASFLCSFITQDKMFVSNPIRKVFKPSQGMVVEISNGNTSSKTVVTLSEP
VQGELKPTVILKLLKENIIQMEMIENRTMDGKPVSLPLLYNFNPDNGFAPISEVMEDRNQRIKEMYWKLWIDEPFNLDFD
PRDVIKGKDFEITAKEVYDFTHAVGNNCEDFVSRPDRTMLAPMDFAIVVGWRAIIKAIFPNTVDGDLLKLVHLSNGYKMI
PGAKPLQVGDVVSTTAVIESVVNQPTGKIVDVVGTLSRNGKPVMEVTSSFFYRGNYTDFENTFQKTVEPVYQMHIKTSKD
IAVLRSKEWFQLDDEDFDLLNKTLTFETETEVTFKNANIFSSVKCFGPIKVELPTKETVEIGIVDYEAGASHGNPVVDFL
KRNGSTLEQKVNLENPIPIAVLDSYTPSTNEPYARVSGDLNPIHVSRHFASYANLPGTITHGMFSSASVRALIENWAADS
VSSRVRGYTCQFVDMVLPNTALKTSIQHVGMINGRKLIKFETRNEDDVVVLTGEAEIEQPVTTFVFTGQGSQEQGMGMDL
YKTSKAAQDVWNRADNHFKDTYGFSILDIVINNPVNLTIHFGGEKGKRIRENYSAMIFETIVDGKLKTEKIFKEINEHST
SYTFRSEKGLLSATQFTQPALTLMEKAAFEDLKSKGLIPADATFAGH(O18)LGEYAALASLADVMSIESLVEVVFYRGM
TMQVAVPRDELGRSNYGMIAINPGRVAASFSQEALQYVVERVGKRTGWLVEIVNYNVENQQYVAAGDLRALDTVTNVLNF
IKLQKIDIIELQKSLSLEEVEGHLFEIIDEASKKSAVKPRPLKLERGFACIPLVGISVPFHSTYLMNGVKPFKSFLKKNI
IKENVKVARLAGKYIPNLTAKPFQVTKEYFQDVYDLTGSEPIKEIIDNWEKYEQS
;
G
#
loop_
_chem_comp.id
_chem_comp.type
_chem_comp.name
_chem_comp.formula
O18 non-polymer 'O-palmitoleoyl serine' 'C19 H35 N O4'
#
# COMPACT_ATOMS: atom_id res chain seq x y z
N MET A 1 -9.87 -5.71 31.83
CA MET A 1 -10.45 -4.87 30.78
C MET A 1 -11.82 -5.37 30.37
N LYS A 2 -12.83 -4.53 30.56
CA LYS A 2 -14.16 -4.84 30.06
C LYS A 2 -14.14 -4.89 28.53
N PRO A 3 -14.92 -5.77 27.92
CA PRO A 3 -14.90 -5.86 26.46
C PRO A 3 -15.68 -4.76 25.79
N GLU A 4 -15.51 -3.54 26.28
CA GLU A 4 -15.95 -2.30 25.66
C GLU A 4 -14.85 -1.25 25.70
N VAL A 5 -14.09 -1.18 26.79
CA VAL A 5 -12.88 -0.37 26.80
C VAL A 5 -11.83 -0.98 25.89
N GLU A 6 -11.74 -2.32 25.89
CA GLU A 6 -10.82 -3.00 24.98
C GLU A 6 -11.20 -2.74 23.53
N GLN A 7 -12.50 -2.74 23.23
CA GLN A 7 -12.93 -2.44 21.87
C GLN A 7 -12.58 -1.00 21.49
N GLU A 8 -12.75 -0.06 22.41
CA GLU A 8 -12.40 1.33 22.13
C GLU A 8 -10.90 1.47 21.87
N LEU A 9 -10.07 0.82 22.70
CA LEU A 9 -8.63 0.89 22.50
C LEU A 9 -8.22 0.23 21.19
N ALA A 10 -8.85 -0.89 20.84
CA ALA A 10 -8.56 -1.53 19.56
C ALA A 10 -8.93 -0.62 18.39
N HIS A 11 -10.08 0.06 18.49
CA HIS A 11 -10.49 0.98 17.44
C HIS A 11 -9.48 2.11 17.27
N ILE A 12 -9.09 2.74 18.38
CA ILE A 12 -8.19 3.88 18.32
C ILE A 12 -6.73 3.48 18.24
N LEU A 13 -6.42 2.19 18.19
CA LEU A 13 -5.12 1.69 17.74
C LEU A 13 -5.11 1.35 16.26
N LEU A 14 -6.18 0.71 15.76
CA LEU A 14 -6.31 0.45 14.34
C LEU A 14 -6.31 1.75 13.55
N THR A 15 -6.98 2.78 14.08
CA THR A 15 -7.03 4.06 13.39
C THR A 15 -5.63 4.63 13.18
N GLU A 16 -4.81 4.65 14.23
CA GLU A 16 -3.46 5.18 14.10
C GLU A 16 -2.60 4.30 13.20
N LEU A 17 -2.73 2.97 13.31
CA LEU A 17 -1.95 2.09 12.45
C LEU A 17 -2.24 2.37 10.98
N LEU A 18 -3.52 2.45 10.62
CA LEU A 18 -3.89 2.73 9.23
C LEU A 18 -3.55 4.16 8.82
N ALA A 19 -3.60 5.11 9.74
CA ALA A 19 -3.31 6.50 9.40
C ALA A 19 -1.82 6.70 9.12
N TYR A 20 -0.96 6.06 9.89
CA TYR A 20 0.47 6.19 9.69
C TYR A 20 1.03 5.18 8.70
N GLN A 21 0.23 4.21 8.26
CA GLN A 21 0.75 3.19 7.35
C GLN A 21 1.22 3.78 6.04
N PHE A 22 0.40 4.64 5.42
CA PHE A 22 0.73 5.14 4.09
C PHE A 22 1.86 6.17 4.10
N ALA A 23 2.31 6.62 5.28
CA ALA A 23 3.42 7.54 5.39
C ALA A 23 4.64 6.92 6.06
N SER A 24 4.67 5.61 6.22
CA SER A 24 5.77 4.92 6.88
C SER A 24 6.22 3.74 6.04
N PRO A 25 7.48 3.34 6.16
CA PRO A 25 7.98 2.23 5.35
C PRO A 25 7.22 0.94 5.62
N VAL A 26 7.03 0.15 4.57
CA VAL A 26 6.36 -1.13 4.70
C VAL A 26 7.38 -2.18 5.13
N ARG A 27 7.21 -2.73 6.32
CA ARG A 27 8.16 -3.71 6.88
C ARG A 27 7.73 -5.14 6.51
N TRP A 28 7.72 -5.41 5.20
CA TRP A 28 7.27 -6.72 4.75
C TRP A 28 8.30 -7.81 5.03
N ILE A 29 9.59 -7.45 5.16
CA ILE A 29 10.61 -8.43 5.48
C ILE A 29 10.38 -9.01 6.87
N GLU A 30 10.13 -8.14 7.86
CA GLU A 30 9.83 -8.61 9.20
C GLU A 30 8.42 -9.19 9.32
N THR A 31 7.51 -8.83 8.41
CA THR A 31 6.18 -9.40 8.44
C THR A 31 6.18 -10.86 8.04
N GLN A 32 6.87 -11.19 6.94
CA GLN A 32 6.91 -12.59 6.52
C GLN A 32 7.83 -13.41 7.40
N ASP A 33 8.76 -12.79 8.11
CA ASP A 33 9.48 -13.50 9.15
C ASP A 33 8.54 -13.90 10.29
N VAL A 34 7.47 -13.13 10.53
CA VAL A 34 6.54 -13.46 11.59
C VAL A 34 5.73 -14.71 11.24
N PHE A 35 5.14 -14.75 10.05
CA PHE A 35 4.26 -15.87 9.74
C PHE A 35 5.00 -17.08 9.17
N LEU A 36 6.24 -16.92 8.72
CA LEU A 36 7.01 -18.09 8.28
C LEU A 36 7.79 -18.73 9.41
N LYS A 37 8.24 -17.94 10.39
CA LYS A 37 9.07 -18.43 11.50
C LYS A 37 8.27 -18.59 12.79
N ASP A 38 7.64 -17.52 13.26
CA ASP A 38 6.92 -17.59 14.53
C ASP A 38 5.64 -18.43 14.45
N PHE A 39 4.97 -18.42 13.30
CA PHE A 39 3.75 -19.19 13.12
C PHE A 39 3.95 -20.53 12.43
N ASN A 40 5.08 -20.72 11.75
CA ASN A 40 5.36 -21.93 10.97
C ASN A 40 4.21 -22.23 10.00
N THR A 41 3.80 -21.20 9.26
CA THR A 41 2.69 -21.34 8.32
C THR A 41 3.00 -22.39 7.28
N GLU A 42 2.03 -23.27 7.02
CA GLU A 42 2.16 -24.31 6.01
C GLU A 42 1.54 -23.92 4.68
N ARG A 43 0.44 -23.17 4.70
CA ARG A 43 -0.20 -22.68 3.49
C ARG A 43 -0.21 -21.15 3.51
N VAL A 44 0.52 -20.54 2.58
CA VAL A 44 0.48 -19.11 2.35
C VAL A 44 -0.37 -18.87 1.12
N VAL A 45 -1.50 -18.20 1.28
CA VAL A 45 -2.43 -17.94 0.19
C VAL A 45 -2.41 -16.44 -0.09
N GLU A 46 -2.01 -16.08 -1.31
CA GLU A 46 -2.00 -14.68 -1.72
C GLU A 46 -3.30 -14.36 -2.44
N ILE A 47 -3.99 -13.33 -1.97
CA ILE A 47 -5.20 -12.83 -2.62
C ILE A 47 -4.80 -11.65 -3.48
N GLY A 48 -5.04 -11.76 -4.78
CA GLY A 48 -4.69 -10.71 -5.70
C GLY A 48 -4.60 -11.17 -7.13
N PRO A 49 -4.39 -10.23 -8.05
CA PRO A 49 -4.41 -10.58 -9.48
C PRO A 49 -3.12 -11.19 -9.99
N SER A 50 -2.00 -11.05 -9.28
CA SER A 50 -0.72 -11.56 -9.72
C SER A 50 0.05 -12.13 -8.53
N PRO A 51 0.99 -13.07 -8.76
CA PRO A 51 1.77 -13.68 -7.68
C PRO A 51 2.94 -12.83 -7.21
N THR A 52 2.67 -11.56 -6.91
CA THR A 52 3.72 -10.67 -6.41
C THR A 52 4.20 -11.10 -5.03
N LEU A 53 3.27 -11.22 -4.07
CA LEU A 53 3.64 -11.57 -2.70
C LEU A 53 4.08 -13.02 -2.61
N ALA A 54 3.45 -13.91 -3.38
CA ALA A 54 3.84 -15.31 -3.38
C ALA A 54 5.27 -15.48 -3.88
N GLY A 55 5.63 -14.77 -4.95
CA GLY A 55 6.98 -14.85 -5.46
C GLY A 55 8.02 -14.40 -4.44
N MET A 56 7.72 -13.32 -3.71
CA MET A 56 8.67 -12.81 -2.74
C MET A 56 8.66 -13.61 -1.44
N ALA A 57 7.62 -14.39 -1.16
CA ALA A 57 7.67 -15.35 -0.07
C ALA A 57 8.51 -16.57 -0.44
N GLN A 58 8.42 -17.01 -1.69
CA GLN A 58 9.27 -18.10 -2.15
C GLN A 58 10.74 -17.70 -2.13
N ARG A 59 11.05 -16.47 -2.54
CA ARG A 59 12.43 -15.99 -2.47
C ARG A 59 12.92 -15.94 -1.02
N THR A 60 12.06 -15.48 -0.11
CA THR A 60 12.43 -15.49 1.30
C THR A 60 12.66 -16.91 1.80
N LEU A 61 11.86 -17.88 1.31
CA LEU A 61 11.98 -19.25 1.76
C LEU A 61 13.21 -19.95 1.18
N LYS A 62 13.81 -19.43 0.10
CA LYS A 62 15.09 -19.97 -0.34
C LYS A 62 16.26 -19.27 0.31
N ASN A 63 16.21 -17.94 0.44
CA ASN A 63 17.31 -17.19 1.04
C ASN A 63 17.53 -17.61 2.48
N LYS A 64 16.45 -17.74 3.23
CA LYS A 64 16.48 -18.24 4.60
C LYS A 64 15.54 -19.44 4.71
N TYR A 65 15.54 -20.07 5.88
CA TYR A 65 14.58 -21.12 6.21
C TYR A 65 14.72 -22.38 5.36
N GLU A 66 15.69 -22.41 4.45
CA GLU A 66 15.93 -23.63 3.69
C GLU A 66 16.37 -24.77 4.60
N SER A 67 17.39 -24.52 5.42
CA SER A 67 17.80 -25.50 6.42
C SER A 67 16.76 -25.64 7.51
N TYR A 68 16.07 -24.55 7.86
CA TYR A 68 15.05 -24.60 8.91
C TYR A 68 13.89 -25.48 8.50
N ASP A 69 13.43 -25.36 7.25
CA ASP A 69 12.31 -26.19 6.80
C ASP A 69 12.68 -27.66 6.73
N ALA A 70 13.91 -27.96 6.28
CA ALA A 70 14.34 -29.35 6.16
C ALA A 70 14.44 -30.02 7.52
N ALA A 71 15.03 -29.34 8.50
CA ALA A 71 15.23 -29.96 9.82
C ALA A 71 13.91 -30.24 10.51
N LEU A 72 12.94 -29.33 10.38
CA LEU A 72 11.64 -29.49 11.00
C LEU A 72 10.63 -30.18 10.10
N SER A 73 11.04 -30.58 8.90
CA SER A 73 10.17 -31.29 7.95
C SER A 73 8.90 -30.51 7.66
N LEU A 74 9.03 -29.20 7.46
CA LEU A 74 7.89 -28.36 7.10
C LEU A 74 7.67 -28.41 5.59
N HIS A 75 6.44 -28.63 5.19
CA HIS A 75 6.06 -28.61 3.77
C HIS A 75 5.25 -27.34 3.53
N ARG A 76 5.94 -26.29 3.12
CA ARG A 76 5.29 -25.02 2.85
C ARG A 76 4.59 -25.05 1.49
N GLU A 77 3.39 -24.51 1.45
CA GLU A 77 2.62 -24.34 0.22
C GLU A 77 2.38 -22.87 0.01
N ILE A 78 2.85 -22.34 -1.12
CA ILE A 78 2.69 -20.94 -1.48
C ILE A 78 1.77 -20.89 -2.68
N LEU A 79 0.53 -20.45 -2.45
CA LEU A 79 -0.51 -20.46 -3.47
C LEU A 79 -0.98 -19.04 -3.74
N CYS A 80 -1.00 -18.67 -5.01
CA CYS A 80 -1.59 -17.41 -5.45
C CYS A 80 -2.99 -17.68 -5.97
N TYR A 81 -3.95 -16.85 -5.56
CA TYR A 81 -5.33 -17.03 -5.99
C TYR A 81 -5.46 -17.02 -7.51
N SER A 82 -4.62 -16.24 -8.19
CA SER A 82 -4.78 -16.06 -9.63
C SER A 82 -4.34 -17.26 -10.43
N LYS A 83 -3.42 -18.08 -9.92
CA LYS A 83 -2.93 -19.23 -10.68
C LYS A 83 -3.12 -20.57 -9.99
N ASP A 84 -3.08 -20.63 -8.66
CA ASP A 84 -3.27 -21.89 -7.93
C ASP A 84 -4.71 -22.07 -7.48
N ALA A 85 -5.68 -21.93 -8.39
CA ALA A 85 -7.08 -22.02 -7.98
C ALA A 85 -7.47 -23.46 -7.63
N LYS A 86 -6.93 -24.44 -8.34
CA LYS A 86 -7.29 -25.83 -8.09
C LYS A 86 -6.85 -26.28 -6.71
N GLU A 87 -5.66 -25.85 -6.27
CA GLU A 87 -5.17 -26.25 -4.96
C GLU A 87 -5.89 -25.52 -3.84
N ILE A 88 -6.24 -24.26 -4.06
CA ILE A 88 -6.92 -23.48 -3.02
C ILE A 88 -8.35 -23.98 -2.81
N TYR A 89 -9.03 -24.34 -3.89
CA TYR A 89 -10.42 -24.76 -3.84
C TYR A 89 -10.60 -26.25 -3.66
N TYR A 90 -9.51 -27.02 -3.59
CA TYR A 90 -9.56 -28.48 -3.44
C TYR A 90 -10.37 -29.12 -4.57
N THR A 91 -9.98 -28.80 -5.81
CA THR A 91 -10.59 -29.38 -7.01
C THR A 91 -9.47 -29.96 -7.87
N PRO A 92 -8.91 -31.10 -7.45
CA PRO A 92 -7.80 -31.68 -8.21
C PRO A 92 -8.22 -32.13 -9.59
N ASP A 93 -7.27 -32.12 -10.51
CA ASP A 93 -7.52 -32.63 -11.85
C ASP A 93 -7.41 -34.14 -11.85
N PRO A 94 -8.46 -34.88 -12.24
CA PRO A 94 -8.44 -36.34 -12.26
C PRO A 94 -7.75 -36.91 -13.49
N VAL B 1661 -2.22 -24.80 9.13
CA VAL B 1661 -1.93 -23.42 9.51
C VAL B 1661 -1.82 -22.57 8.25
N THR B 1662 -2.68 -21.56 8.16
CA THR B 1662 -2.84 -20.76 6.95
C THR B 1662 -2.59 -19.29 7.26
N THR B 1663 -1.95 -18.61 6.31
CA THR B 1663 -1.83 -17.16 6.32
C THR B 1663 -2.33 -16.62 4.98
N PHE B 1664 -3.12 -15.55 5.04
CA PHE B 1664 -3.60 -14.88 3.85
C PHE B 1664 -2.87 -13.55 3.70
N VAL B 1665 -2.28 -13.33 2.54
CA VAL B 1665 -1.56 -12.09 2.25
C VAL B 1665 -2.22 -11.41 1.07
N PHE B 1666 -2.49 -10.12 1.21
CA PHE B 1666 -3.21 -9.34 0.22
C PHE B 1666 -2.24 -8.38 -0.44
N THR B 1667 -2.16 -8.42 -1.77
CA THR B 1667 -1.20 -7.61 -2.49
C THR B 1667 -1.72 -6.19 -2.68
N GLY B 1668 -0.78 -5.24 -2.75
CA GLY B 1668 -1.10 -3.84 -2.96
C GLY B 1668 -1.07 -3.46 -4.42
N GLN B 1669 -0.90 -2.17 -4.67
CA GLN B 1669 -0.89 -1.64 -6.02
C GLN B 1669 0.27 -2.22 -6.81
N GLY B 1670 0.07 -2.35 -8.12
CA GLY B 1670 1.00 -3.04 -8.99
C GLY B 1670 0.48 -3.12 -10.41
N SER B 1671 0.50 -4.31 -10.99
CA SER B 1671 -0.07 -4.54 -12.31
C SER B 1671 -1.55 -4.83 -12.14
N GLN B 1672 -2.38 -3.80 -12.30
CA GLN B 1672 -3.83 -3.93 -12.28
C GLN B 1672 -4.28 -3.90 -13.74
N GLU B 1673 -4.56 -5.07 -14.29
CA GLU B 1673 -4.85 -5.18 -15.71
C GLU B 1673 -6.36 -5.15 -15.96
N GLN B 1674 -6.71 -4.84 -17.20
CA GLN B 1674 -8.10 -4.85 -17.63
C GLN B 1674 -8.72 -6.23 -17.42
N GLY B 1675 -9.92 -6.24 -16.84
CA GLY B 1675 -10.68 -7.47 -16.69
C GLY B 1675 -10.35 -8.30 -15.48
N MET B 1676 -9.55 -7.78 -14.54
CA MET B 1676 -9.21 -8.56 -13.35
C MET B 1676 -10.45 -8.79 -12.48
N GLY B 1677 -10.60 -10.01 -11.98
CA GLY B 1677 -11.74 -10.39 -11.18
C GLY B 1677 -13.01 -10.64 -11.95
N MET B 1678 -13.02 -10.42 -13.26
CA MET B 1678 -14.25 -10.53 -14.03
C MET B 1678 -14.63 -11.99 -14.31
N ASP B 1679 -13.65 -12.88 -14.40
CA ASP B 1679 -13.98 -14.30 -14.53
C ASP B 1679 -14.72 -14.80 -13.29
N LEU B 1680 -14.25 -14.43 -12.11
CA LEU B 1680 -14.93 -14.82 -10.88
C LEU B 1680 -16.27 -14.10 -10.76
N TYR B 1681 -16.35 -12.85 -11.24
CA TYR B 1681 -17.59 -12.10 -11.15
C TYR B 1681 -18.72 -12.77 -11.92
N LYS B 1682 -18.40 -13.44 -13.03
CA LYS B 1682 -19.42 -14.09 -13.83
C LYS B 1682 -19.94 -15.38 -13.22
N THR B 1683 -19.14 -16.08 -12.41
CA THR B 1683 -19.51 -17.40 -11.93
C THR B 1683 -19.89 -17.45 -10.46
N SER B 1684 -19.53 -16.45 -9.67
CA SER B 1684 -19.66 -16.51 -8.21
C SER B 1684 -20.77 -15.56 -7.76
N LYS B 1685 -21.76 -16.10 -7.06
CA LYS B 1685 -22.79 -15.26 -6.45
C LYS B 1685 -22.20 -14.37 -5.37
N ALA B 1686 -21.26 -14.89 -4.57
CA ALA B 1686 -20.62 -14.08 -3.54
C ALA B 1686 -19.84 -12.92 -4.14
N ALA B 1687 -19.13 -13.17 -5.24
CA ALA B 1687 -18.39 -12.09 -5.90
C ALA B 1687 -19.33 -11.08 -6.53
N GLN B 1688 -20.48 -11.53 -7.05
CA GLN B 1688 -21.45 -10.61 -7.65
C GLN B 1688 -21.99 -9.63 -6.62
N ASP B 1689 -22.30 -10.12 -5.42
CA ASP B 1689 -22.79 -9.22 -4.36
C ASP B 1689 -21.76 -8.16 -4.00
N VAL B 1690 -20.47 -8.50 -4.06
CA VAL B 1690 -19.44 -7.53 -3.76
C VAL B 1690 -19.37 -6.45 -4.83
N TRP B 1691 -19.34 -6.86 -6.10
CA TRP B 1691 -19.17 -5.89 -7.18
C TRP B 1691 -20.43 -5.06 -7.39
N ASN B 1692 -21.61 -5.70 -7.39
CA ASN B 1692 -22.85 -4.98 -7.66
C ASN B 1692 -23.15 -3.96 -6.58
N ARG B 1693 -22.87 -4.30 -5.32
CA ARG B 1693 -23.08 -3.35 -4.22
C ARG B 1693 -22.18 -2.13 -4.40
N ALA B 1694 -20.91 -2.35 -4.77
CA ALA B 1694 -19.99 -1.24 -4.95
C ALA B 1694 -20.29 -0.46 -6.21
N ASP B 1695 -20.64 -1.16 -7.30
CA ASP B 1695 -20.95 -0.49 -8.55
C ASP B 1695 -22.18 0.39 -8.43
N ASN B 1696 -23.22 -0.11 -7.73
CA ASN B 1696 -24.40 0.70 -7.50
C ASN B 1696 -24.07 1.94 -6.68
N HIS B 1697 -23.23 1.79 -5.65
CA HIS B 1697 -22.87 2.93 -4.82
C HIS B 1697 -22.10 3.98 -5.62
N PHE B 1698 -21.15 3.54 -6.45
CA PHE B 1698 -20.41 4.48 -7.27
C PHE B 1698 -21.31 5.19 -8.26
N LYS B 1699 -22.22 4.44 -8.90
CA LYS B 1699 -23.12 5.04 -9.88
C LYS B 1699 -24.06 6.06 -9.23
N ASP B 1700 -24.56 5.76 -8.03
CA ASP B 1700 -25.47 6.69 -7.37
C ASP B 1700 -24.75 7.88 -6.77
N THR B 1701 -23.53 7.70 -6.27
CA THR B 1701 -22.82 8.78 -5.60
C THR B 1701 -21.99 9.64 -6.54
N TYR B 1702 -21.28 9.02 -7.48
CA TYR B 1702 -20.32 9.74 -8.31
C TYR B 1702 -20.60 9.61 -9.80
N GLY B 1703 -21.67 8.93 -10.18
CA GLY B 1703 -22.07 8.88 -11.58
C GLY B 1703 -21.13 8.13 -12.49
N PHE B 1704 -20.40 7.14 -11.98
CA PHE B 1704 -19.60 6.26 -12.82
C PHE B 1704 -19.65 4.85 -12.28
N SER B 1705 -19.35 3.89 -13.14
CA SER B 1705 -19.34 2.47 -12.79
C SER B 1705 -17.89 1.98 -12.70
N ILE B 1706 -17.51 1.47 -11.53
CA ILE B 1706 -16.19 0.87 -11.38
C ILE B 1706 -16.08 -0.39 -12.23
N LEU B 1707 -17.19 -1.12 -12.38
CA LEU B 1707 -17.20 -2.30 -13.24
C LEU B 1707 -16.89 -1.93 -14.69
N ASP B 1708 -17.47 -0.82 -15.17
CA ASP B 1708 -17.17 -0.38 -16.53
C ASP B 1708 -15.71 -0.02 -16.69
N ILE B 1709 -15.12 0.63 -15.69
CA ILE B 1709 -13.71 1.00 -15.75
C ILE B 1709 -12.84 -0.25 -15.77
N VAL B 1710 -13.18 -1.26 -14.97
CA VAL B 1710 -12.38 -2.48 -14.95
C VAL B 1710 -12.50 -3.22 -16.28
N ILE B 1711 -13.71 -3.34 -16.81
CA ILE B 1711 -13.93 -4.15 -18.01
C ILE B 1711 -13.34 -3.47 -19.24
N ASN B 1712 -13.56 -2.16 -19.37
CA ASN B 1712 -13.22 -1.48 -20.62
C ASN B 1712 -11.97 -0.63 -20.55
N ASN B 1713 -11.61 -0.12 -19.37
CA ASN B 1713 -10.45 0.75 -19.17
C ASN B 1713 -10.47 1.94 -20.14
N PRO B 1714 -11.46 2.82 -20.03
CA PRO B 1714 -11.51 3.97 -20.94
C PRO B 1714 -10.37 4.94 -20.69
N VAL B 1715 -9.94 5.61 -21.76
CA VAL B 1715 -8.90 6.63 -21.62
C VAL B 1715 -9.43 7.85 -20.89
N ASN B 1716 -10.66 8.26 -21.22
CA ASN B 1716 -11.29 9.41 -20.57
C ASN B 1716 -12.69 9.04 -20.12
N LEU B 1717 -13.16 9.72 -19.08
CA LEU B 1717 -14.49 9.48 -18.54
C LEU B 1717 -15.10 10.81 -18.11
N THR B 1718 -16.24 11.14 -18.68
CA THR B 1718 -16.94 12.39 -18.38
C THR B 1718 -18.14 12.10 -17.49
N ILE B 1719 -18.30 12.91 -16.45
CA ILE B 1719 -19.42 12.83 -15.52
C ILE B 1719 -20.30 14.04 -15.78
N HIS B 1720 -21.56 13.80 -16.11
CA HIS B 1720 -22.49 14.86 -16.44
C HIS B 1720 -23.40 15.17 -15.25
N PHE B 1721 -23.64 16.45 -15.02
CA PHE B 1721 -24.41 16.94 -13.89
C PHE B 1721 -25.77 17.49 -14.33
N GLY B 1722 -26.39 16.82 -15.30
CA GLY B 1722 -27.55 17.38 -16.00
C GLY B 1722 -28.78 17.71 -15.19
N GLY B 1723 -29.47 16.69 -14.67
CA GLY B 1723 -30.75 16.88 -14.03
C GLY B 1723 -30.64 16.94 -12.51
N GLU B 1724 -31.73 16.56 -11.84
CA GLU B 1724 -31.72 16.52 -10.38
C GLU B 1724 -30.71 15.51 -9.87
N LYS B 1725 -30.67 14.32 -10.48
CA LYS B 1725 -29.64 13.34 -10.13
C LYS B 1725 -28.25 13.88 -10.44
N GLY B 1726 -28.09 14.52 -11.59
CA GLY B 1726 -26.81 15.11 -11.93
C GLY B 1726 -26.39 16.19 -10.95
N LYS B 1727 -27.34 17.01 -10.49
CA LYS B 1727 -27.00 18.05 -9.53
C LYS B 1727 -26.67 17.47 -8.16
N ARG B 1728 -27.32 16.36 -7.77
CA ARG B 1728 -26.94 15.70 -6.53
C ARG B 1728 -25.54 15.11 -6.62
N ILE B 1729 -25.19 14.52 -7.76
CA ILE B 1729 -23.86 13.95 -7.94
C ILE B 1729 -22.80 15.04 -7.91
N ARG B 1730 -23.10 16.21 -8.49
CA ARG B 1730 -22.14 17.30 -8.52
C ARG B 1730 -21.81 17.78 -7.11
N GLU B 1731 -22.82 17.88 -6.24
CA GLU B 1731 -22.56 18.32 -4.87
C GLU B 1731 -21.72 17.30 -4.11
N ASN B 1732 -21.79 16.03 -4.48
CA ASN B 1732 -20.89 15.04 -3.87
C ASN B 1732 -19.44 15.34 -4.23
N TYR B 1733 -19.18 15.73 -5.48
CA TYR B 1733 -17.82 16.11 -5.88
C TYR B 1733 -17.38 17.39 -5.18
N SER B 1734 -18.28 18.36 -5.02
CA SER B 1734 -17.92 19.64 -4.44
C SER B 1734 -17.53 19.51 -2.97
N ALA B 1735 -18.11 18.56 -2.25
CA ALA B 1735 -17.81 18.37 -0.83
C ALA B 1735 -16.46 17.69 -0.60
N MET B 1736 -15.85 17.13 -1.63
CA MET B 1736 -14.59 16.41 -1.50
C MET B 1736 -13.46 17.41 -1.27
N ILE B 1737 -12.73 17.25 -0.16
CA ILE B 1737 -11.73 18.22 0.28
C ILE B 1737 -10.42 17.52 0.58
N PHE B 1738 -9.34 18.31 0.58
CA PHE B 1738 -8.00 17.85 0.87
C PHE B 1738 -7.46 18.63 2.06
N GLU B 1739 -7.22 17.94 3.17
CA GLU B 1739 -6.70 18.55 4.38
C GLU B 1739 -5.27 18.10 4.61
N THR B 1740 -4.41 19.05 4.97
CA THR B 1740 -2.99 18.81 5.22
C THR B 1740 -2.57 19.46 6.53
N ILE B 1741 -3.32 19.17 7.59
CA ILE B 1741 -3.17 19.81 8.89
C ILE B 1741 -1.73 19.75 9.37
N VAL B 1742 -1.35 20.73 10.20
CA VAL B 1742 0.03 20.91 10.66
C VAL B 1742 0.92 21.10 9.44
N ASP B 1743 0.46 21.90 8.48
CA ASP B 1743 1.30 22.38 7.38
C ASP B 1743 1.80 23.75 7.80
N GLY B 1744 2.89 23.77 8.55
CA GLY B 1744 3.33 25.00 9.19
C GLY B 1744 2.49 25.30 10.41
N LYS B 1745 1.73 26.40 10.35
CA LYS B 1745 0.87 26.78 11.48
C LYS B 1745 -0.24 25.77 11.73
N LEU B 1746 -1.17 25.64 10.80
CA LEU B 1746 -2.41 24.90 11.04
C LEU B 1746 -2.90 24.33 9.71
N LYS B 1747 -4.19 23.98 9.68
CA LYS B 1747 -4.83 23.46 8.47
C LYS B 1747 -4.69 24.44 7.32
N THR B 1748 -4.48 23.90 6.12
CA THR B 1748 -4.51 24.64 4.87
C THR B 1748 -5.42 23.90 3.88
N GLU B 1749 -6.61 23.55 4.34
CA GLU B 1749 -7.52 22.70 3.57
C GLU B 1749 -7.91 23.37 2.26
N LYS B 1750 -8.17 22.55 1.25
CA LYS B 1750 -8.52 23.02 -0.08
C LYS B 1750 -9.64 22.13 -0.62
N ILE B 1751 -9.89 22.23 -1.92
CA ILE B 1751 -10.94 21.48 -2.60
C ILE B 1751 -10.29 20.60 -3.66
N PHE B 1752 -10.76 19.35 -3.75
CA PHE B 1752 -10.21 18.41 -4.73
C PHE B 1752 -10.34 18.95 -6.15
N LYS B 1753 -11.53 19.39 -6.54
CA LYS B 1753 -11.85 19.60 -7.94
C LYS B 1753 -12.26 21.05 -8.20
N GLU B 1754 -12.16 21.44 -9.47
CA GLU B 1754 -12.59 22.74 -9.97
C GLU B 1754 -14.09 22.78 -10.26
N ILE B 1755 -14.85 21.86 -9.70
CA ILE B 1755 -16.28 21.79 -9.95
C ILE B 1755 -16.99 22.80 -9.06
N ASN B 1756 -17.86 23.61 -9.67
CA ASN B 1756 -18.62 24.62 -8.96
C ASN B 1756 -20.10 24.47 -9.31
N GLU B 1757 -20.92 25.35 -8.75
CA GLU B 1757 -22.37 25.27 -8.91
C GLU B 1757 -22.84 25.54 -10.33
N HIS B 1758 -21.96 26.05 -11.20
CA HIS B 1758 -22.29 26.24 -12.61
C HIS B 1758 -21.71 25.17 -13.52
N SER B 1759 -20.97 24.21 -12.98
CA SER B 1759 -20.38 23.17 -13.81
C SER B 1759 -21.44 22.21 -14.30
N THR B 1760 -21.32 21.80 -15.57
CA THR B 1760 -22.23 20.84 -16.15
C THR B 1760 -21.59 19.48 -16.40
N SER B 1761 -20.27 19.39 -16.36
CA SER B 1761 -19.61 18.11 -16.52
C SER B 1761 -18.21 18.17 -15.91
N TYR B 1762 -17.63 17.00 -15.69
CA TYR B 1762 -16.24 16.85 -15.29
C TYR B 1762 -15.66 15.65 -16.02
N THR B 1763 -14.43 15.79 -16.49
CA THR B 1763 -13.76 14.73 -17.24
C THR B 1763 -12.54 14.24 -16.48
N PHE B 1764 -12.50 12.93 -16.23
CA PHE B 1764 -11.28 12.27 -15.78
C PHE B 1764 -10.45 11.93 -17.01
N ARG B 1765 -9.16 12.28 -16.95
CA ARG B 1765 -8.28 12.15 -18.11
C ARG B 1765 -7.07 11.29 -17.76
N SER B 1766 -6.66 10.45 -18.70
CA SER B 1766 -5.49 9.60 -18.52
C SER B 1766 -4.79 9.45 -19.87
N GLU B 1767 -3.64 8.79 -19.84
CA GLU B 1767 -2.80 8.62 -21.02
C GLU B 1767 -3.24 7.42 -21.85
N LYS B 1768 -3.37 6.25 -21.23
CA LYS B 1768 -3.71 5.02 -21.94
C LYS B 1768 -4.78 4.19 -21.22
N GLY B 1769 -5.49 4.76 -20.25
CA GLY B 1769 -6.52 4.04 -19.54
C GLY B 1769 -6.67 4.49 -18.11
N LEU B 1770 -7.91 4.65 -17.66
CA LEU B 1770 -8.17 5.16 -16.32
C LEU B 1770 -8.03 4.09 -15.23
N LEU B 1771 -7.88 2.82 -15.61
CA LEU B 1771 -7.50 1.81 -14.63
C LEU B 1771 -5.98 1.84 -14.45
N SER B 1772 -5.44 3.05 -14.29
CA SER B 1772 -4.07 3.27 -13.86
C SER B 1772 -3.94 4.42 -12.88
N ALA B 1773 -4.95 5.29 -12.78
CA ALA B 1773 -4.97 6.35 -11.79
C ALA B 1773 -5.38 5.78 -10.44
N THR B 1774 -4.75 6.29 -9.37
CA THR B 1774 -4.88 5.67 -8.06
C THR B 1774 -6.30 5.79 -7.49
N GLN B 1775 -7.10 6.74 -7.96
CA GLN B 1775 -8.48 6.84 -7.48
C GLN B 1775 -9.36 5.72 -8.04
N PHE B 1776 -8.96 5.09 -9.14
CA PHE B 1776 -9.71 4.00 -9.72
C PHE B 1776 -9.08 2.63 -9.52
N THR B 1777 -7.74 2.56 -9.51
CA THR B 1777 -7.09 1.27 -9.29
C THR B 1777 -7.25 0.79 -7.86
N GLN B 1778 -7.18 1.70 -6.89
CA GLN B 1778 -7.31 1.29 -5.49
C GLN B 1778 -8.67 0.67 -5.17
N PRO B 1779 -9.81 1.27 -5.55
CA PRO B 1779 -11.09 0.57 -5.30
C PRO B 1779 -11.26 -0.69 -6.13
N ALA B 1780 -10.75 -0.68 -7.37
CA ALA B 1780 -10.86 -1.87 -8.21
C ALA B 1780 -10.08 -3.04 -7.63
N LEU B 1781 -8.86 -2.76 -7.14
CA LEU B 1781 -8.04 -3.81 -6.54
C LEU B 1781 -8.64 -4.28 -5.22
N THR B 1782 -9.15 -3.35 -4.41
CA THR B 1782 -9.80 -3.73 -3.16
C THR B 1782 -11.03 -4.59 -3.42
N LEU B 1783 -11.76 -4.29 -4.50
CA LEU B 1783 -12.98 -5.05 -4.79
C LEU B 1783 -12.65 -6.46 -5.26
N MET B 1784 -11.67 -6.61 -6.15
CA MET B 1784 -11.35 -7.93 -6.66
C MET B 1784 -10.81 -8.84 -5.56
N GLU B 1785 -10.11 -8.26 -4.58
CA GLU B 1785 -9.60 -9.06 -3.47
C GLU B 1785 -10.71 -9.39 -2.47
N LYS B 1786 -11.62 -8.44 -2.23
CA LYS B 1786 -12.76 -8.72 -1.37
C LYS B 1786 -13.68 -9.77 -1.99
N ALA B 1787 -13.92 -9.68 -3.30
CA ALA B 1787 -14.78 -10.66 -3.95
C ALA B 1787 -14.18 -12.06 -3.91
N ALA B 1788 -12.87 -12.17 -4.12
CA ALA B 1788 -12.22 -13.47 -4.08
C ALA B 1788 -12.31 -14.09 -2.69
N PHE B 1789 -12.06 -13.29 -1.65
CA PHE B 1789 -12.17 -13.79 -0.28
C PHE B 1789 -13.60 -14.16 0.07
N GLU B 1790 -14.57 -13.36 -0.37
CA GLU B 1790 -15.96 -13.66 -0.08
C GLU B 1790 -16.40 -14.95 -0.76
N ASP B 1791 -15.88 -15.22 -1.96
CA ASP B 1791 -16.17 -16.49 -2.62
C ASP B 1791 -15.46 -17.66 -1.95
N LEU B 1792 -14.23 -17.45 -1.46
CA LEU B 1792 -13.57 -18.50 -0.68
C LEU B 1792 -14.34 -18.80 0.60
N LYS B 1793 -14.84 -17.75 1.26
CA LYS B 1793 -15.59 -17.92 2.50
C LYS B 1793 -16.95 -18.58 2.23
N SER B 1794 -17.55 -18.32 1.08
CA SER B 1794 -18.82 -18.94 0.74
C SER B 1794 -18.69 -20.43 0.46
N LYS B 1795 -17.47 -20.91 0.21
CA LYS B 1795 -17.21 -22.33 0.03
C LYS B 1795 -16.63 -22.98 1.28
N GLY B 1796 -16.65 -22.28 2.42
CA GLY B 1796 -16.17 -22.84 3.67
C GLY B 1796 -14.69 -23.13 3.71
N LEU B 1797 -13.87 -22.33 3.05
CA LEU B 1797 -12.44 -22.59 2.92
C LEU B 1797 -11.58 -21.75 3.84
N ILE B 1798 -12.16 -20.90 4.68
CA ILE B 1798 -11.40 -19.96 5.50
C ILE B 1798 -11.24 -20.56 6.89
N PRO B 1799 -10.03 -20.92 7.31
CA PRO B 1799 -9.84 -21.42 8.68
C PRO B 1799 -10.12 -20.33 9.69
N ALA B 1800 -10.64 -20.75 10.85
CA ALA B 1800 -11.11 -19.79 11.86
C ALA B 1800 -9.98 -18.93 12.42
N ASP B 1801 -8.80 -19.53 12.67
CA ASP B 1801 -7.70 -18.83 13.33
C ASP B 1801 -6.57 -18.48 12.38
N ALA B 1802 -6.88 -18.26 11.10
CA ALA B 1802 -5.86 -17.88 10.14
C ALA B 1802 -5.33 -16.48 10.42
N THR B 1803 -4.02 -16.33 10.29
CA THR B 1803 -3.41 -15.01 10.36
C THR B 1803 -3.42 -14.36 8.99
N PHE B 1804 -3.35 -13.03 8.98
CA PHE B 1804 -3.43 -12.31 7.72
C PHE B 1804 -2.60 -11.03 7.80
N ALA B 1805 -2.21 -10.55 6.62
CA ALA B 1805 -1.49 -9.30 6.48
C ALA B 1805 -1.68 -8.82 5.04
N GLY B 1806 -1.36 -7.56 4.82
CA GLY B 1806 -1.48 -6.98 3.49
C GLY B 1806 -0.36 -6.01 3.21
N HIS B 1807 0.01 -5.92 1.94
CA HIS B 1807 1.07 -5.03 1.49
C HIS B 1807 0.50 -3.69 1.03
CA O18 B 1808 0.34 -1.29 1.57
CB O18 B 1808 0.96 -0.61 0.35
C1 O18 B 1808 0.13 -0.23 -1.87
C2 O18 B 1808 0.55 1.17 -1.53
C3 O18 B 1808 -0.59 2.18 -1.52
C4 O18 B 1808 -1.33 2.23 -0.18
C5 O18 B 1808 -2.58 3.11 -0.15
C6 O18 B 1808 -3.15 3.30 1.25
C7 O18 B 1808 -4.49 4.01 1.35
C8 O18 B 1808 -5.69 3.27 0.78
C9 O18 B 1808 -7.01 4.04 0.88
C10 O18 B 1808 -7.55 4.27 2.27
C11 O18 B 1808 -8.47 3.20 2.84
C12 O18 B 1808 -8.93 3.45 4.27
C13 O18 B 1808 -10.00 2.52 4.83
C14 O18 B 1808 -9.76 1.03 4.63
C15 O18 B 1808 -10.70 0.09 5.37
C16 O18 B 1808 -10.56 0.14 6.88
C O18 B 1808 -1.19 -1.31 1.48
N O18 B 1808 0.86 -2.63 1.75
OG O18 B 1808 0.36 -1.11 -0.87
O11 O18 B 1808 -0.36 -0.57 -2.91
O O18 B 1808 -1.85 -1.46 2.49
N LEU B 1809 -1.72 -1.16 0.27
CA LEU B 1809 -3.17 -1.15 0.05
C LEU B 1809 -3.82 -2.48 0.42
N GLY B 1810 -3.09 -3.58 0.24
CA GLY B 1810 -3.62 -4.89 0.60
C GLY B 1810 -3.99 -4.99 2.06
N GLU B 1811 -3.33 -4.21 2.92
CA GLU B 1811 -3.66 -4.19 4.34
C GLU B 1811 -5.10 -3.77 4.57
N TYR B 1812 -5.56 -2.74 3.84
CA TYR B 1812 -6.93 -2.28 3.98
C TYR B 1812 -7.92 -3.29 3.45
N ALA B 1813 -7.57 -3.97 2.34
CA ALA B 1813 -8.43 -5.02 1.81
C ALA B 1813 -8.49 -6.22 2.73
N ALA B 1814 -7.36 -6.55 3.36
CA ALA B 1814 -7.33 -7.67 4.30
C ALA B 1814 -8.22 -7.42 5.51
N LEU B 1815 -8.20 -6.19 6.03
CA LEU B 1815 -9.01 -5.87 7.20
C LEU B 1815 -10.50 -5.94 6.87
N ALA B 1816 -10.90 -5.48 5.68
CA ALA B 1816 -12.29 -5.56 5.28
C ALA B 1816 -12.75 -6.97 5.00
N SER B 1817 -11.84 -7.88 4.66
CA SER B 1817 -12.21 -9.24 4.32
C SER B 1817 -12.28 -10.15 5.55
N LEU B 1818 -11.26 -10.12 6.40
CA LEU B 1818 -11.18 -11.03 7.53
C LEU B 1818 -11.78 -10.47 8.81
N ALA B 1819 -11.88 -9.15 8.95
CA ALA B 1819 -12.41 -8.54 10.15
C ALA B 1819 -13.74 -7.83 9.95
N ASP B 1820 -14.11 -7.52 8.71
CA ASP B 1820 -15.39 -6.88 8.39
C ASP B 1820 -15.58 -5.58 9.17
N VAL B 1821 -14.55 -4.75 9.20
CA VAL B 1821 -14.63 -3.48 9.91
C VAL B 1821 -15.45 -2.43 9.16
N MET B 1822 -15.70 -2.63 7.87
CA MET B 1822 -16.49 -1.70 7.08
C MET B 1822 -17.43 -2.48 6.17
N SER B 1823 -18.52 -1.82 5.79
CA SER B 1823 -19.35 -2.35 4.72
C SER B 1823 -18.66 -2.13 3.37
N ILE B 1824 -19.19 -2.78 2.34
CA ILE B 1824 -18.63 -2.64 1.01
C ILE B 1824 -18.78 -1.20 0.51
N GLU B 1825 -19.94 -0.59 0.77
CA GLU B 1825 -20.18 0.78 0.33
C GLU B 1825 -19.25 1.76 1.02
N SER B 1826 -19.03 1.59 2.33
CA SER B 1826 -18.10 2.47 3.04
C SER B 1826 -16.67 2.22 2.59
N LEU B 1827 -16.30 0.95 2.37
CA LEU B 1827 -14.94 0.63 1.97
C LEU B 1827 -14.57 1.27 0.64
N VAL B 1828 -15.42 1.09 -0.38
CA VAL B 1828 -15.11 1.66 -1.68
C VAL B 1828 -15.15 3.18 -1.63
N GLU B 1829 -16.05 3.76 -0.83
CA GLU B 1829 -16.12 5.21 -0.72
C GLU B 1829 -14.85 5.78 -0.11
N VAL B 1830 -14.36 5.17 0.97
CA VAL B 1830 -13.15 5.67 1.63
C VAL B 1830 -11.88 5.18 0.97
N VAL B 1831 -11.98 4.34 -0.05
CA VAL B 1831 -10.83 4.08 -0.91
C VAL B 1831 -10.79 5.05 -2.09
N PHE B 1832 -11.95 5.35 -2.68
CA PHE B 1832 -12.02 6.34 -3.75
C PHE B 1832 -11.59 7.72 -3.23
N TYR B 1833 -12.19 8.18 -2.15
CA TYR B 1833 -11.55 9.19 -1.33
C TYR B 1833 -10.30 8.54 -0.72
N ARG B 1834 -9.23 9.31 -0.62
CA ARG B 1834 -7.86 8.89 -0.32
C ARG B 1834 -7.23 8.22 -1.53
N GLY B 1835 -7.98 7.94 -2.59
CA GLY B 1835 -7.39 7.67 -3.88
C GLY B 1835 -7.26 8.99 -4.63
N MET B 1836 -8.32 9.80 -4.57
CA MET B 1836 -8.25 11.14 -5.14
C MET B 1836 -7.39 12.07 -4.30
N THR B 1837 -7.27 11.80 -3.00
CA THR B 1837 -6.42 12.62 -2.14
C THR B 1837 -4.96 12.52 -2.59
N MET B 1838 -4.50 11.31 -2.91
CA MET B 1838 -3.15 11.13 -3.43
C MET B 1838 -3.02 11.62 -4.87
N GLN B 1839 -4.10 11.56 -5.65
CA GLN B 1839 -4.06 12.06 -7.02
C GLN B 1839 -3.76 13.55 -7.06
N VAL B 1840 -4.15 14.29 -6.01
CA VAL B 1840 -3.86 15.72 -5.90
C VAL B 1840 -2.80 16.02 -4.85
N ALA B 1841 -2.20 14.98 -4.24
CA ALA B 1841 -1.18 15.22 -3.23
C ALA B 1841 0.13 15.70 -3.82
N VAL B 1842 0.44 15.34 -5.06
CA VAL B 1842 1.69 15.74 -5.69
C VAL B 1842 1.42 16.85 -6.70
N PRO B 1843 2.30 17.83 -6.83
CA PRO B 1843 2.03 18.95 -7.75
C PRO B 1843 2.19 18.57 -9.21
N ARG B 1844 1.19 17.92 -9.79
CA ARG B 1844 1.17 17.68 -11.22
C ARG B 1844 1.00 19.01 -11.93
N ASP B 1845 2.04 19.46 -12.65
CA ASP B 1845 2.15 20.87 -13.01
C ASP B 1845 1.54 21.19 -14.37
N GLU B 1846 2.07 20.60 -15.44
CA GLU B 1846 1.74 21.03 -16.80
C GLU B 1846 0.89 20.00 -17.55
N LEU B 1847 1.39 18.77 -17.68
CA LEU B 1847 0.64 17.69 -18.32
C LEU B 1847 0.25 16.62 -17.32
N GLY B 1848 -0.11 17.02 -16.11
CA GLY B 1848 -0.37 16.06 -15.04
C GLY B 1848 0.83 15.20 -14.75
N ARG B 1849 2.03 15.77 -14.82
CA ARG B 1849 3.28 15.04 -14.67
C ARG B 1849 4.06 15.62 -13.50
N SER B 1850 3.77 15.11 -12.30
CA SER B 1850 4.64 15.32 -11.17
C SER B 1850 5.80 14.32 -11.24
N ASN B 1851 6.99 14.78 -10.89
CA ASN B 1851 8.20 13.96 -10.99
C ASN B 1851 8.29 13.07 -9.75
N TYR B 1852 7.51 11.98 -9.76
CA TYR B 1852 7.49 11.06 -8.64
C TYR B 1852 7.16 9.65 -9.12
N GLY B 1853 7.89 8.68 -8.59
CA GLY B 1853 7.67 7.29 -8.92
C GLY B 1853 8.38 6.39 -7.92
N MET B 1854 8.46 5.10 -8.27
CA MET B 1854 9.13 4.12 -7.43
C MET B 1854 9.98 3.19 -8.29
N ILE B 1855 11.10 2.74 -7.71
CA ILE B 1855 11.99 1.77 -8.35
C ILE B 1855 12.28 0.66 -7.37
N ALA B 1856 12.28 -0.57 -7.86
CA ALA B 1856 12.65 -1.74 -7.07
C ALA B 1856 14.15 -1.98 -7.23
N ILE B 1857 14.87 -2.03 -6.12
CA ILE B 1857 16.32 -2.13 -6.13
C ILE B 1857 16.74 -3.48 -5.58
N ASN B 1858 17.49 -4.24 -6.37
CA ASN B 1858 18.11 -5.48 -5.93
C ASN B 1858 19.55 -5.19 -5.50
N PRO B 1859 19.79 -4.98 -4.21
CA PRO B 1859 21.14 -4.60 -3.76
C PRO B 1859 22.18 -5.68 -3.98
N GLY B 1860 21.78 -6.94 -4.15
CA GLY B 1860 22.72 -8.01 -4.41
C GLY B 1860 23.03 -8.17 -5.88
N ARG B 1861 22.17 -7.60 -6.74
CA ARG B 1861 22.40 -7.65 -8.17
C ARG B 1861 23.43 -6.63 -8.62
N VAL B 1862 23.87 -5.76 -7.72
CA VAL B 1862 24.88 -4.76 -8.03
C VAL B 1862 26.24 -5.12 -7.42
N ALA B 1863 26.27 -5.46 -6.14
CA ALA B 1863 27.48 -5.80 -5.40
C ALA B 1863 27.04 -6.38 -4.06
N ALA B 1864 27.99 -6.54 -3.15
CA ALA B 1864 27.66 -6.82 -1.75
C ALA B 1864 26.98 -5.60 -1.15
N SER B 1865 25.84 -5.81 -0.48
CA SER B 1865 25.07 -4.72 0.09
C SER B 1865 24.30 -5.26 1.29
N PHE B 1866 23.37 -4.48 1.81
CA PHE B 1866 22.63 -4.88 3.01
C PHE B 1866 21.27 -4.19 3.00
N SER B 1867 20.46 -4.47 4.03
CA SER B 1867 19.10 -3.96 4.13
C SER B 1867 19.08 -2.47 4.45
N GLN B 1868 19.89 -2.05 5.43
CA GLN B 1868 19.91 -0.68 5.90
C GLN B 1868 21.34 -0.19 6.11
N GLU B 1869 22.31 -0.84 5.47
CA GLU B 1869 23.71 -0.49 5.68
C GLU B 1869 24.35 0.09 4.43
N ALA B 1870 24.32 -0.65 3.32
CA ALA B 1870 25.03 -0.21 2.13
C ALA B 1870 24.10 0.52 1.16
N LEU B 1871 23.00 -0.12 0.77
CA LEU B 1871 22.05 0.54 -0.10
C LEU B 1871 21.40 1.73 0.58
N GLN B 1872 21.06 1.60 1.87
CA GLN B 1872 20.46 2.70 2.61
C GLN B 1872 21.41 3.88 2.74
N TYR B 1873 22.72 3.62 2.76
CA TYR B 1873 23.67 4.71 2.92
C TYR B 1873 23.73 5.59 1.67
N VAL B 1874 23.66 4.99 0.47
CA VAL B 1874 23.71 5.71 -0.79
C VAL B 1874 22.43 6.52 -0.96
N VAL B 1875 21.42 6.26 -0.13
CA VAL B 1875 20.14 6.93 -0.19
C VAL B 1875 20.03 8.01 0.89
N GLU B 1876 20.53 7.74 2.09
CA GLU B 1876 20.51 8.71 3.18
C GLU B 1876 21.55 9.80 3.01
N ARG B 1877 22.71 9.50 2.43
CA ARG B 1877 23.69 10.55 2.17
C ARG B 1877 23.35 11.35 0.93
N VAL B 1878 22.56 10.79 0.00
CA VAL B 1878 22.08 11.57 -1.14
C VAL B 1878 20.84 12.39 -0.80
N GLY B 1879 20.40 12.37 0.46
CA GLY B 1879 19.26 13.16 0.88
C GLY B 1879 19.54 14.09 2.04
N LYS B 1880 20.74 14.01 2.62
CA LYS B 1880 21.07 14.82 3.78
C LYS B 1880 21.97 16.01 3.48
N ARG B 1881 22.70 15.99 2.36
CA ARG B 1881 23.50 17.15 1.96
C ARG B 1881 23.15 17.62 0.55
N THR B 1882 22.18 16.97 -0.10
CA THR B 1882 21.66 17.43 -1.37
C THR B 1882 20.32 18.14 -1.24
N GLY B 1883 19.60 17.94 -0.13
CA GLY B 1883 18.33 18.61 0.09
C GLY B 1883 17.13 17.97 -0.56
N TRP B 1884 17.33 16.89 -1.32
CA TRP B 1884 16.23 16.26 -2.03
C TRP B 1884 15.62 15.15 -1.19
N LEU B 1885 14.62 14.48 -1.75
CA LEU B 1885 13.87 13.45 -1.04
C LEU B 1885 13.95 12.14 -1.80
N VAL B 1886 14.77 11.23 -1.30
CA VAL B 1886 14.78 9.82 -1.72
C VAL B 1886 14.75 8.98 -0.46
N GLU B 1887 13.81 8.04 -0.39
CA GLU B 1887 13.68 7.18 0.77
C GLU B 1887 13.42 5.75 0.30
N ILE B 1888 13.89 4.79 1.10
CA ILE B 1888 13.51 3.40 0.93
C ILE B 1888 12.15 3.22 1.60
N VAL B 1889 11.15 2.82 0.83
CA VAL B 1889 9.78 2.77 1.33
C VAL B 1889 9.26 1.36 1.53
N ASN B 1890 9.76 0.37 0.80
CA ASN B 1890 9.36 -1.03 0.98
C ASN B 1890 10.58 -1.87 1.26
N TYR B 1891 10.54 -2.62 2.36
CA TYR B 1891 11.53 -3.67 2.65
C TYR B 1891 10.84 -4.99 2.34
N ASN B 1892 10.97 -5.45 1.10
CA ASN B 1892 10.19 -6.60 0.65
C ASN B 1892 10.95 -7.92 0.83
N VAL B 1893 12.11 -8.06 0.22
CA VAL B 1893 12.93 -9.26 0.33
C VAL B 1893 14.31 -8.85 0.81
N GLU B 1894 14.80 -9.52 1.86
CA GLU B 1894 16.09 -9.18 2.43
C GLU B 1894 17.20 -9.41 1.42
N ASN B 1895 18.01 -8.38 1.19
CA ASN B 1895 19.17 -8.34 0.30
C ASN B 1895 18.80 -8.48 -1.17
N GLN B 1896 17.52 -8.55 -1.53
CA GLN B 1896 17.12 -8.76 -2.92
C GLN B 1896 16.06 -7.80 -3.44
N GLN B 1897 15.27 -7.17 -2.58
CA GLN B 1897 14.21 -6.28 -3.08
C GLN B 1897 13.98 -5.16 -2.08
N TYR B 1898 14.23 -3.93 -2.52
CA TYR B 1898 13.94 -2.73 -1.74
C TYR B 1898 13.40 -1.69 -2.70
N VAL B 1899 12.30 -1.04 -2.33
CA VAL B 1899 11.66 -0.06 -3.19
C VAL B 1899 12.03 1.34 -2.69
N ALA B 1900 12.53 2.16 -3.58
CA ALA B 1900 12.81 3.56 -3.28
C ALA B 1900 11.73 4.43 -3.89
N ALA B 1901 11.39 5.52 -3.19
CA ALA B 1901 10.40 6.47 -3.69
C ALA B 1901 10.92 7.88 -3.49
N GLY B 1902 10.44 8.79 -4.32
CA GLY B 1902 10.84 10.18 -4.24
C GLY B 1902 10.76 10.83 -5.59
N ASP B 1903 11.56 11.89 -5.74
CA ASP B 1903 11.60 12.63 -7.00
C ASP B 1903 12.00 11.71 -8.15
N LEU B 1904 11.30 11.84 -9.28
CA LEU B 1904 11.69 11.11 -10.47
C LEU B 1904 13.08 11.51 -10.94
N ARG B 1905 13.56 12.69 -10.53
CA ARG B 1905 14.95 13.07 -10.77
C ARG B 1905 15.90 12.17 -9.99
N ALA B 1906 15.62 11.99 -8.70
CA ALA B 1906 16.53 11.23 -7.84
C ALA B 1906 16.51 9.74 -8.14
N LEU B 1907 15.40 9.20 -8.65
CA LEU B 1907 15.37 7.79 -9.03
C LEU B 1907 16.34 7.51 -10.18
N ASP B 1908 16.36 8.39 -11.18
CA ASP B 1908 17.33 8.26 -12.27
C ASP B 1908 18.76 8.40 -11.75
N THR B 1909 18.98 9.34 -10.84
CA THR B 1909 20.30 9.49 -10.24
C THR B 1909 20.73 8.20 -9.54
N VAL B 1910 19.82 7.60 -8.77
CA VAL B 1910 20.13 6.39 -8.02
C VAL B 1910 20.43 5.24 -8.97
N THR B 1911 19.62 5.08 -10.03
CA THR B 1911 19.84 3.97 -10.94
C THR B 1911 21.16 4.15 -11.70
N ASN B 1912 21.50 5.39 -12.07
CA ASN B 1912 22.78 5.61 -12.74
C ASN B 1912 23.96 5.36 -11.80
N VAL B 1913 23.85 5.82 -10.55
CA VAL B 1913 24.93 5.60 -9.59
C VAL B 1913 25.13 4.11 -9.33
N LEU B 1914 24.03 3.37 -9.19
CA LEU B 1914 24.15 1.93 -8.96
C LEU B 1914 24.71 1.23 -10.19
N ASN B 1915 24.33 1.67 -11.39
CA ASN B 1915 24.92 1.08 -12.60
C ASN B 1915 26.41 1.33 -12.65
N PHE B 1916 26.85 2.54 -12.28
CA PHE B 1916 28.27 2.85 -12.31
C PHE B 1916 29.05 2.15 -11.21
N ILE B 1917 28.43 1.88 -10.06
CA ILE B 1917 29.12 1.11 -9.02
C ILE B 1917 29.07 -0.39 -9.32
N LYS B 1918 28.17 -0.84 -10.20
CA LYS B 1918 28.26 -2.20 -10.70
C LYS B 1918 29.38 -2.34 -11.72
N LEU B 1919 29.44 -1.41 -12.68
CA LEU B 1919 30.50 -1.48 -13.70
C LEU B 1919 31.87 -1.31 -13.07
N GLN B 1920 32.01 -0.32 -12.18
CA GLN B 1920 33.25 -0.11 -11.43
C GLN B 1920 33.13 -0.90 -10.14
N LYS B 1921 33.70 -2.11 -10.14
CA LYS B 1921 33.55 -3.00 -9.00
C LYS B 1921 34.18 -2.42 -7.75
N ILE B 1922 33.44 -2.45 -6.65
CA ILE B 1922 33.89 -1.96 -5.35
C ILE B 1922 33.62 -3.04 -4.31
N ASP B 1923 34.38 -2.99 -3.22
CA ASP B 1923 34.22 -3.91 -2.11
C ASP B 1923 34.23 -3.12 -0.82
N ILE B 1924 33.20 -3.29 0.02
CA ILE B 1924 33.02 -2.47 1.21
C ILE B 1924 32.80 -3.31 2.46
N ILE B 1925 32.97 -4.63 2.38
CA ILE B 1925 32.82 -5.46 3.56
C ILE B 1925 34.14 -5.58 4.30
N LEU B 1933 36.01 10.54 7.51
CA LEU B 1933 35.18 10.82 6.35
C LEU B 1933 36.04 10.93 5.08
N GLU B 1934 35.38 10.78 3.93
CA GLU B 1934 35.97 10.92 2.60
C GLU B 1934 36.87 9.71 2.28
N GLU B 1935 37.10 8.84 3.27
CA GLU B 1935 37.84 7.62 3.02
C GLU B 1935 36.93 6.53 2.47
N VAL B 1936 35.99 6.06 3.30
CA VAL B 1936 34.96 5.13 2.86
C VAL B 1936 33.60 5.77 3.13
N GLU B 1937 33.47 6.44 4.29
CA GLU B 1937 32.22 7.08 4.68
C GLU B 1937 31.82 8.17 3.68
N GLY B 1938 32.78 9.00 3.29
CA GLY B 1938 32.54 10.08 2.36
C GLY B 1938 32.97 9.87 0.93
N HIS B 1939 33.50 8.69 0.59
CA HIS B 1939 33.88 8.43 -0.80
C HIS B 1939 32.65 8.45 -1.70
N LEU B 1940 31.60 7.72 -1.32
CA LEU B 1940 30.39 7.81 -2.09
C LEU B 1940 29.66 9.11 -1.82
N PHE B 1941 30.08 9.87 -0.80
CA PHE B 1941 29.56 11.23 -0.65
C PHE B 1941 30.07 12.13 -1.76
N GLU B 1942 31.38 12.02 -2.07
CA GLU B 1942 31.93 12.67 -3.25
C GLU B 1942 31.28 12.13 -4.53
N ILE B 1943 30.99 10.83 -4.55
CA ILE B 1943 30.28 10.24 -5.69
C ILE B 1943 28.90 10.88 -5.83
N ILE B 1944 28.21 11.11 -4.72
CA ILE B 1944 26.91 11.78 -4.74
C ILE B 1944 27.06 13.20 -5.25
N ASP B 1945 28.12 13.89 -4.82
CA ASP B 1945 28.35 15.26 -5.28
C ASP B 1945 28.54 15.32 -6.79
N GLU B 1946 29.34 14.39 -7.34
CA GLU B 1946 29.58 14.42 -8.78
C GLU B 1946 28.35 13.96 -9.55
N ALA B 1947 27.57 13.03 -8.99
CA ALA B 1947 26.39 12.54 -9.68
C ALA B 1947 25.25 13.56 -9.65
N SER B 1948 25.21 14.41 -8.62
CA SER B 1948 24.15 15.41 -8.52
C SER B 1948 24.29 16.50 -9.56
N LYS B 1949 25.53 16.84 -9.94
CA LYS B 1949 25.74 17.90 -10.93
C LYS B 1949 25.14 17.50 -12.28
N LYS B 1950 25.40 16.27 -12.72
CA LYS B 1950 24.77 15.78 -13.94
C LYS B 1950 23.28 15.58 -13.76
N SER B 1951 22.80 15.54 -12.51
CA SER B 1951 21.41 15.25 -12.22
C SER B 1951 20.59 16.51 -11.98
N ALA B 1952 21.18 17.50 -11.28
CA ALA B 1952 20.45 18.73 -11.01
C ALA B 1952 20.09 19.49 -12.28
N VAL B 1953 20.80 19.23 -13.38
CA VAL B 1953 20.47 19.87 -14.66
C VAL B 1953 19.50 19.06 -15.49
N LYS B 1954 19.03 17.91 -14.99
CA LYS B 1954 18.14 17.07 -15.75
C LYS B 1954 16.82 17.79 -15.99
N PRO B 1955 16.24 17.67 -17.18
CA PRO B 1955 14.87 18.19 -17.38
C PRO B 1955 13.91 17.47 -16.44
N ARG B 1956 12.92 18.22 -15.94
CA ARG B 1956 12.02 17.71 -14.90
C ARG B 1956 11.29 16.43 -15.28
N PRO B 1957 10.66 16.30 -16.46
CA PRO B 1957 10.06 15.02 -16.83
C PRO B 1957 11.10 14.05 -17.38
N LEU B 1958 10.85 12.76 -17.15
CA LEU B 1958 11.69 11.70 -17.69
C LEU B 1958 10.95 10.38 -17.54
N LYS B 1959 11.44 9.36 -18.25
CA LYS B 1959 10.92 8.00 -18.19
C LYS B 1959 12.00 7.10 -17.60
N LEU B 1960 11.66 6.38 -16.54
CA LEU B 1960 12.64 5.51 -15.89
C LEU B 1960 12.91 4.29 -16.77
N GLU B 1961 14.19 3.90 -16.84
CA GLU B 1961 14.62 2.75 -17.61
C GLU B 1961 15.14 1.67 -16.69
N ARG B 1962 14.92 0.42 -17.08
CA ARG B 1962 15.45 -0.71 -16.31
C ARG B 1962 16.98 -0.64 -16.27
N GLY B 1963 17.53 -0.85 -15.09
CA GLY B 1963 18.98 -0.79 -14.92
C GLY B 1963 19.56 -2.11 -14.46
N PHE B 1964 20.81 -2.08 -13.99
CA PHE B 1964 21.46 -3.29 -13.51
C PHE B 1964 20.75 -3.82 -12.26
N ALA B 1965 20.49 -2.94 -11.29
CA ALA B 1965 19.86 -3.33 -10.04
C ALA B 1965 18.46 -2.77 -9.86
N CYS B 1966 18.07 -1.77 -10.65
CA CYS B 1966 16.82 -1.05 -10.44
C CYS B 1966 15.84 -1.34 -11.58
N ILE B 1967 14.65 -1.79 -11.22
CA ILE B 1967 13.55 -2.02 -12.17
C ILE B 1967 12.42 -1.07 -11.79
N PRO B 1968 11.95 -0.22 -12.72
CA PRO B 1968 10.87 0.71 -12.37
C PRO B 1968 9.57 0.00 -12.04
N LEU B 1969 8.79 0.62 -11.16
CA LEU B 1969 7.48 0.11 -10.79
C LEU B 1969 6.43 0.74 -11.69
N VAL B 1970 5.79 -0.08 -12.53
CA VAL B 1970 4.74 0.42 -13.40
C VAL B 1970 3.43 0.51 -12.61
N GLY B 1971 2.75 1.66 -12.73
CA GLY B 1971 1.47 1.86 -12.09
C GLY B 1971 1.48 2.74 -10.87
N ILE B 1972 2.66 3.13 -10.37
CA ILE B 1972 2.77 3.96 -9.18
C ILE B 1972 3.27 5.34 -9.59
N SER B 1973 2.61 6.38 -9.08
CA SER B 1973 3.00 7.75 -9.36
C SER B 1973 3.08 8.63 -8.12
N VAL B 1974 2.77 8.09 -6.94
CA VAL B 1974 2.75 8.85 -5.69
C VAL B 1974 3.86 8.30 -4.80
N PRO B 1975 4.67 9.14 -4.15
CA PRO B 1975 5.69 8.63 -3.23
C PRO B 1975 5.10 8.12 -1.93
N PHE B 1976 4.39 7.00 -1.99
CA PHE B 1976 3.80 6.41 -0.79
C PHE B 1976 4.88 5.98 0.19
N HIS B 1977 4.51 5.95 1.48
CA HIS B 1977 5.33 5.43 2.56
C HIS B 1977 6.58 6.27 2.82
N SER B 1978 6.62 7.49 2.32
CA SER B 1978 7.76 8.38 2.52
C SER B 1978 7.32 9.57 3.37
N THR B 1979 8.32 10.35 3.81
CA THR B 1979 8.06 11.53 4.63
C THR B 1979 7.33 12.63 3.86
N TYR B 1980 7.25 12.52 2.54
CA TYR B 1980 6.50 13.51 1.76
C TYR B 1980 5.03 13.53 2.17
N LEU B 1981 4.42 12.37 2.33
CA LEU B 1981 3.01 12.30 2.73
C LEU B 1981 2.86 12.23 4.24
N MET B 1982 3.54 13.11 4.97
CA MET B 1982 3.51 13.10 6.42
C MET B 1982 2.77 14.30 7.01
N ASN B 1983 2.70 15.42 6.29
CA ASN B 1983 1.94 16.56 6.79
C ASN B 1983 0.49 16.18 7.04
N GLY B 1984 -0.15 15.53 6.07
CA GLY B 1984 -1.47 14.99 6.33
C GLY B 1984 -1.42 13.54 6.75
N VAL B 1985 -1.38 13.29 8.06
CA VAL B 1985 -1.52 11.95 8.62
C VAL B 1985 -2.60 12.02 9.68
N LYS B 1986 -2.75 13.20 10.30
CA LYS B 1986 -3.78 13.45 11.29
C LYS B 1986 -5.13 13.76 10.64
N PRO B 1987 -5.17 14.55 9.56
CA PRO B 1987 -6.43 14.61 8.79
C PRO B 1987 -6.86 13.26 8.27
N PHE B 1988 -5.90 12.43 7.84
CA PHE B 1988 -6.22 11.04 7.52
C PHE B 1988 -6.68 10.30 8.77
N LYS B 1989 -6.03 10.57 9.91
CA LYS B 1989 -6.43 9.95 11.17
C LYS B 1989 -7.86 10.35 11.54
N SER B 1990 -8.21 11.62 11.35
CA SER B 1990 -9.57 12.06 11.63
C SER B 1990 -10.57 11.52 10.62
N PHE B 1991 -10.15 11.36 9.36
CA PHE B 1991 -11.05 10.78 8.35
C PHE B 1991 -11.37 9.34 8.67
N LEU B 1992 -10.40 8.59 9.20
CA LEU B 1992 -10.63 7.18 9.51
C LEU B 1992 -11.54 7.01 10.72
N LYS B 1993 -11.49 7.93 11.68
CA LYS B 1993 -12.33 7.81 12.86
C LYS B 1993 -13.81 7.93 12.51
N LYS B 1994 -14.14 8.75 11.52
CA LYS B 1994 -15.54 8.93 11.13
C LYS B 1994 -16.07 7.82 10.24
N ASN B 1995 -15.19 6.99 9.66
CA ASN B 1995 -15.62 5.94 8.76
C ASN B 1995 -15.38 4.54 9.28
N ILE B 1996 -14.55 4.37 10.32
CA ILE B 1996 -14.42 3.10 11.02
C ILE B 1996 -15.17 3.25 12.33
N ILE B 1997 -16.32 2.57 12.42
CA ILE B 1997 -17.14 2.64 13.62
C ILE B 1997 -16.54 1.73 14.69
N LYS B 1998 -16.47 2.23 15.92
CA LYS B 1998 -15.90 1.46 17.01
C LYS B 1998 -16.65 0.16 17.24
N GLU B 1999 -17.97 0.14 16.98
CA GLU B 1999 -18.77 -1.05 17.22
C GLU B 1999 -18.50 -2.17 16.24
N ASN B 2000 -17.80 -1.91 15.14
CA ASN B 2000 -17.51 -2.92 14.13
C ASN B 2000 -16.10 -3.46 14.20
N VAL B 2001 -15.34 -3.12 15.26
CA VAL B 2001 -13.92 -3.46 15.29
C VAL B 2001 -13.72 -4.96 15.48
N LYS B 2002 -14.38 -5.54 16.48
CA LYS B 2002 -14.35 -6.99 16.73
C LYS B 2002 -12.91 -7.47 16.97
N VAL B 2003 -12.37 -7.03 18.11
CA VAL B 2003 -10.98 -7.30 18.48
C VAL B 2003 -10.64 -8.79 18.42
N ALA B 2004 -11.61 -9.66 18.67
CA ALA B 2004 -11.35 -11.09 18.62
C ALA B 2004 -10.93 -11.54 17.22
N ARG B 2005 -11.34 -10.81 16.18
CA ARG B 2005 -10.92 -11.12 14.82
C ARG B 2005 -9.57 -10.52 14.47
N LEU B 2006 -8.97 -9.73 15.35
CA LEU B 2006 -7.71 -9.05 15.09
C LEU B 2006 -6.57 -9.49 16.00
N ALA B 2007 -6.86 -9.77 17.28
CA ALA B 2007 -5.81 -10.05 18.25
C ALA B 2007 -5.04 -11.29 17.88
N GLY B 2008 -3.72 -11.14 17.71
CA GLY B 2008 -2.84 -12.24 17.41
C GLY B 2008 -2.90 -12.75 15.99
N LYS B 2009 -3.73 -12.15 15.13
CA LYS B 2009 -3.90 -12.63 13.76
C LYS B 2009 -3.56 -11.59 12.71
N TYR B 2010 -3.73 -10.31 13.00
CA TYR B 2010 -3.46 -9.24 12.06
C TYR B 2010 -2.07 -8.67 12.31
N ILE B 2011 -1.26 -8.60 11.27
CA ILE B 2011 0.09 -8.06 11.33
C ILE B 2011 0.12 -6.76 10.51
N PRO B 2012 0.15 -5.61 11.15
CA PRO B 2012 0.20 -4.35 10.39
C PRO B 2012 1.54 -4.11 9.72
N ASN B 2013 1.52 -3.27 8.69
CA ASN B 2013 2.76 -2.88 8.01
C ASN B 2013 3.62 -1.97 8.89
N LEU B 2014 2.99 -1.05 9.61
CA LEU B 2014 3.73 -0.14 10.47
C LEU B 2014 4.48 -0.91 11.55
N THR B 2015 3.80 -1.85 12.19
CA THR B 2015 4.39 -2.71 13.20
C THR B 2015 4.30 -4.15 12.70
N ALA B 2016 5.43 -4.73 12.31
CA ALA B 2016 5.40 -6.09 11.81
C ALA B 2016 5.29 -7.07 12.98
N LYS B 2017 4.27 -6.88 13.81
CA LYS B 2017 4.00 -7.70 14.98
C LYS B 2017 2.50 -7.95 15.05
N PRO B 2018 2.09 -9.12 15.52
CA PRO B 2018 0.65 -9.42 15.57
C PRO B 2018 -0.11 -8.44 16.45
N PHE B 2019 -1.30 -8.06 16.00
CA PHE B 2019 -2.11 -7.06 16.67
C PHE B 2019 -2.43 -7.49 18.10
N GLN B 2020 -2.15 -6.62 19.07
CA GLN B 2020 -2.45 -6.87 20.46
C GLN B 2020 -2.86 -5.58 21.14
N VAL B 2021 -3.91 -5.64 21.95
CA VAL B 2021 -4.34 -4.49 22.76
C VAL B 2021 -3.63 -4.63 24.10
N THR B 2022 -2.39 -4.15 24.14
CA THR B 2022 -1.58 -4.20 25.34
C THR B 2022 -0.79 -2.91 25.47
N LYS B 2023 -0.32 -2.64 26.68
CA LYS B 2023 0.48 -1.43 26.92
C LYS B 2023 1.77 -1.45 26.12
N GLU B 2024 2.43 -2.62 26.05
CA GLU B 2024 3.66 -2.71 25.29
C GLU B 2024 3.44 -2.47 23.80
N TYR B 2025 2.32 -2.97 23.26
CA TYR B 2025 2.02 -2.73 21.86
C TYR B 2025 1.80 -1.25 21.58
N PHE B 2026 1.08 -0.56 22.47
CA PHE B 2026 0.89 0.87 22.31
C PHE B 2026 2.22 1.62 22.44
N GLN B 2027 3.07 1.19 23.37
CA GLN B 2027 4.36 1.84 23.56
C GLN B 2027 5.23 1.71 22.31
N ASP B 2028 5.23 0.54 21.68
CA ASP B 2028 6.02 0.35 20.48
C ASP B 2028 5.51 1.20 19.32
N VAL B 2029 4.19 1.33 19.20
CA VAL B 2029 3.63 2.20 18.16
C VAL B 2029 4.02 3.65 18.43
N TYR B 2030 3.97 4.07 19.69
CA TYR B 2030 4.41 5.42 20.03
C TYR B 2030 5.89 5.61 19.73
N ASP B 2031 6.71 4.61 20.04
CA ASP B 2031 8.13 4.67 19.75
C ASP B 2031 8.44 4.64 18.26
N LEU B 2032 7.42 4.59 17.41
CA LEU B 2032 7.61 4.62 15.97
C LEU B 2032 6.86 5.74 15.26
N THR B 2033 5.86 6.34 15.90
CA THR B 2033 5.08 7.41 15.30
C THR B 2033 5.04 8.69 16.12
N GLY B 2034 5.09 8.59 17.45
CA GLY B 2034 4.97 9.77 18.29
C GLY B 2034 3.56 10.32 18.39
N SER B 2035 2.55 9.47 18.23
CA SER B 2035 1.17 9.94 18.28
C SER B 2035 0.79 10.33 19.70
N GLU B 2036 0.26 11.54 19.84
CA GLU B 2036 -0.18 12.02 21.16
C GLU B 2036 -1.32 11.19 21.76
N PRO B 2037 -2.36 10.80 21.02
CA PRO B 2037 -3.38 9.93 21.63
C PRO B 2037 -2.81 8.63 22.17
N ILE B 2038 -1.88 8.02 21.45
CA ILE B 2038 -1.23 6.82 21.94
C ILE B 2038 -0.43 7.13 23.20
N LYS B 2039 0.23 8.29 23.24
CA LYS B 2039 1.01 8.65 24.42
C LYS B 2039 0.11 8.81 25.64
N GLU B 2040 -1.03 9.48 25.49
CA GLU B 2040 -1.91 9.64 26.65
C GLU B 2040 -2.54 8.31 27.06
N ILE B 2041 -2.82 7.44 26.07
CA ILE B 2041 -3.30 6.10 26.40
C ILE B 2041 -2.29 5.37 27.27
N ILE B 2042 -1.01 5.45 26.89
CA ILE B 2042 0.05 4.83 27.69
C ILE B 2042 0.12 5.48 29.07
N ASP B 2043 0.03 6.80 29.13
CA ASP B 2043 0.18 7.52 30.39
C ASP B 2043 -0.91 7.16 31.39
N ASN B 2044 -2.13 6.96 30.91
CA ASN B 2044 -3.22 6.56 31.80
C ASN B 2044 -3.75 5.19 31.41
N TRP B 2045 -2.84 4.22 31.23
CA TRP B 2045 -3.22 2.88 30.81
C TRP B 2045 -4.11 2.18 31.83
N GLU B 2046 -4.20 2.69 33.06
CA GLU B 2046 -5.10 2.11 34.03
C GLU B 2046 -6.54 2.44 33.65
N LYS B 2047 -7.00 1.89 32.52
CA LYS B 2047 -8.34 2.16 32.00
C LYS B 2047 -9.29 1.05 32.46
N TYR B 2048 -9.61 1.10 33.75
CA TYR B 2048 -10.46 0.08 34.36
C TYR B 2048 -11.59 0.72 35.14
#